data_7ZWZ
#
_entry.id   7ZWZ
#
_cell.length_a   67.526
_cell.length_b   67.526
_cell.length_c   165.525
_cell.angle_alpha   90.000
_cell.angle_beta   90.000
_cell.angle_gamma   120.000
#
_symmetry.space_group_name_H-M   'P 61 2 2'
#
loop_
_entity.id
_entity.type
_entity.pdbx_description
1 polymer 'B-cell lymphoma 6 protein'
2 polymer ALA-TRP-VAL-ILE-PRO-ALA
3 non-polymer ~{N}-(2-fluorophenyl)-2-[3-(3-methylbutyl)-4-oxidanylidene-pteridin-2-yl]sulfanyl-ethanamide
4 non-polymer 1,2-ETHANEDIOL
5 non-polymer 'DIMETHYL SULFOXIDE'
6 water water
#
loop_
_entity_poly.entity_id
_entity_poly.type
_entity_poly.pdbx_seq_one_letter_code
_entity_poly.pdbx_strand_id
1 'polypeptide(L)'
;GPGADSCIQFTRHASDVLLNLNRLRSRDILTDVVIVVSREQFRAHKTVLMACSGLFYSIFTDQLKCNLSVINLDPEINPE
GFCILLDFMYTSRLNLREGNIMAVMATAMYLQMEHVVDTCRKFIKASE
;
A
2 'polypeptide(L)' AWVIPA B
#
loop_
_chem_comp.id
_chem_comp.type
_chem_comp.name
_chem_comp.formula
DMS non-polymer 'DIMETHYL SULFOXIDE' 'C2 H6 O S'
EDO non-polymer 1,2-ETHANEDIOL 'C2 H6 O2'
K6I non-polymer ~{N}-(2-fluorophenyl)-2-[3-(3-methylbutyl)-4-oxidanylidene-pteridin-2-yl]sulfanyl-ethanamide 'C19 H20 F N5 O2 S'
#
# COMPACT_ATOMS: atom_id res chain seq x y z
N ALA A 4 -26.24 11.27 8.93
CA ALA A 4 -27.40 10.76 9.65
C ALA A 4 -27.11 9.43 10.36
N ASP A 5 -27.89 9.13 11.41
CA ASP A 5 -27.77 7.89 12.20
C ASP A 5 -28.67 6.80 11.60
N SER A 6 -29.49 7.17 10.57
CA SER A 6 -30.45 6.29 9.90
C SER A 6 -29.90 5.59 8.63
N CYS A 7 -28.60 5.69 8.32
CA CYS A 7 -28.01 5.06 7.14
CA CYS A 7 -28.12 5.06 7.10
C CYS A 7 -28.11 3.54 7.14
N ILE A 8 -28.14 2.95 5.95
CA ILE A 8 -27.94 1.48 5.76
C ILE A 8 -26.50 1.38 5.18
N GLN A 9 -25.87 0.20 5.30
CA GLN A 9 -24.49 0.05 4.86
C GLN A 9 -24.34 -1.17 3.95
N PHE A 10 -23.55 -1.05 2.87
CA PHE A 10 -23.31 -2.17 1.98
C PHE A 10 -22.00 -2.77 2.43
N THR A 11 -22.08 -3.95 3.04
N THR A 11 -22.07 -3.93 3.09
CA THR A 11 -20.93 -4.59 3.65
CA THR A 11 -20.91 -4.60 3.70
C THR A 11 -19.72 -4.70 2.74
C THR A 11 -19.70 -4.84 2.78
N ARG A 12 -19.94 -5.15 1.49
CA ARG A 12 -18.82 -5.39 0.57
C ARG A 12 -18.30 -4.14 -0.14
N HIS A 13 -18.88 -2.96 0.11
CA HIS A 13 -18.46 -1.79 -0.64
C HIS A 13 -16.98 -1.48 -0.57
N ALA A 14 -16.40 -1.40 0.64
CA ALA A 14 -14.99 -0.99 0.74
C ALA A 14 -14.08 -1.97 0.00
N SER A 15 -14.35 -3.29 0.12
N SER A 15 -14.37 -3.28 0.13
N SER A 15 -14.37 -3.28 0.13
CA SER A 15 -13.53 -4.29 -0.57
CA SER A 15 -13.59 -4.30 -0.57
CA SER A 15 -13.58 -4.32 -0.55
C SER A 15 -13.72 -4.23 -2.08
C SER A 15 -13.72 -4.14 -2.08
C SER A 15 -13.72 -4.21 -2.08
N ASP A 16 -14.92 -3.87 -2.57
CA ASP A 16 -15.18 -3.71 -4.01
C ASP A 16 -14.45 -2.46 -4.53
N VAL A 17 -14.45 -1.36 -3.75
CA VAL A 17 -13.70 -0.16 -4.18
C VAL A 17 -12.22 -0.50 -4.30
N LEU A 18 -11.67 -1.20 -3.30
CA LEU A 18 -10.24 -1.50 -3.34
C LEU A 18 -9.93 -2.40 -4.53
N LEU A 19 -10.76 -3.40 -4.80
N LEU A 19 -10.79 -3.42 -4.81
CA LEU A 19 -10.53 -4.26 -5.96
CA LEU A 19 -10.60 -4.30 -5.96
C LEU A 19 -10.52 -3.42 -7.24
C LEU A 19 -10.58 -3.49 -7.25
N ASN A 20 -11.47 -2.48 -7.36
CA ASN A 20 -11.50 -1.66 -8.56
C ASN A 20 -10.32 -0.70 -8.63
N LEU A 21 -9.83 -0.19 -7.48
CA LEU A 21 -8.60 0.64 -7.55
C LEU A 21 -7.43 -0.20 -8.02
N ASN A 22 -7.35 -1.48 -7.58
CA ASN A 22 -6.25 -2.32 -8.04
C ASN A 22 -6.39 -2.62 -9.54
N ARG A 23 -7.64 -2.76 -10.04
CA ARG A 23 -7.85 -2.97 -11.48
C ARG A 23 -7.41 -1.71 -12.24
N LEU A 24 -7.66 -0.50 -11.70
CA LEU A 24 -7.15 0.72 -12.37
C LEU A 24 -5.62 0.68 -12.39
N ARG A 25 -4.97 0.26 -11.28
CA ARG A 25 -3.52 0.19 -11.30
C ARG A 25 -3.02 -0.83 -12.35
N SER A 26 -3.63 -2.02 -12.44
N SER A 26 -3.65 -2.00 -12.43
N SER A 26 -3.66 -2.01 -12.44
CA SER A 26 -3.20 -3.03 -13.41
CA SER A 26 -3.23 -3.02 -13.40
CA SER A 26 -3.28 -3.05 -13.40
C SER A 26 -3.36 -2.56 -14.87
C SER A 26 -3.28 -2.45 -14.82
C SER A 26 -3.42 -2.61 -14.86
N ARG A 27 -4.37 -1.70 -15.13
CA ARG A 27 -4.62 -1.16 -16.47
C ARG A 27 -3.87 0.15 -16.69
N ASP A 28 -3.16 0.65 -15.66
CA ASP A 28 -2.42 1.90 -15.68
C ASP A 28 -3.35 3.10 -15.95
N ILE A 29 -4.53 3.06 -15.33
CA ILE A 29 -5.52 4.11 -15.51
C ILE A 29 -5.42 5.11 -14.37
N LEU A 30 -5.17 6.40 -14.72
N LEU A 30 -5.14 6.37 -14.75
CA LEU A 30 -5.12 7.49 -13.76
CA LEU A 30 -5.02 7.54 -13.90
C LEU A 30 -3.99 7.39 -12.75
C LEU A 30 -3.98 7.41 -12.80
N THR A 31 -3.00 6.53 -13.00
CA THR A 31 -1.83 6.48 -12.10
C THR A 31 -1.12 7.84 -12.29
N ASP A 32 -0.62 8.39 -11.19
CA ASP A 32 -0.11 9.75 -11.19
C ASP A 32 1.24 9.90 -10.53
N VAL A 33 1.89 8.77 -10.19
CA VAL A 33 3.23 8.86 -9.61
C VAL A 33 3.99 7.60 -9.94
N VAL A 34 5.32 7.74 -10.08
CA VAL A 34 6.20 6.59 -10.22
C VAL A 34 7.08 6.58 -8.98
N ILE A 35 7.09 5.45 -8.26
CA ILE A 35 7.96 5.28 -7.10
C ILE A 35 9.18 4.51 -7.61
N VAL A 36 10.39 5.06 -7.38
CA VAL A 36 11.61 4.42 -7.83
C VAL A 36 12.35 3.84 -6.64
N VAL A 37 12.69 2.55 -6.71
CA VAL A 37 13.36 1.82 -5.63
C VAL A 37 14.56 1.17 -6.30
N SER A 38 15.65 1.92 -6.29
N SER A 38 15.69 1.86 -6.26
CA SER A 38 16.88 1.50 -6.93
CA SER A 38 16.93 1.34 -6.84
C SER A 38 16.63 1.34 -8.42
C SER A 38 16.78 0.89 -8.27
N ARG A 39 16.85 0.15 -8.97
N ARG A 39 16.26 1.76 -9.11
CA ARG A 39 16.63 0.01 -10.40
CA ARG A 39 16.05 1.51 -10.54
C ARG A 39 15.18 -0.24 -10.84
C ARG A 39 14.93 0.51 -10.92
N GLU A 40 14.25 -0.31 -9.89
N GLU A 40 14.10 0.18 -9.94
CA GLU A 40 12.87 -0.63 -10.22
CA GLU A 40 12.89 -0.59 -10.18
C GLU A 40 11.88 0.53 -10.08
C GLU A 40 11.82 0.50 -10.02
N GLN A 41 10.87 0.55 -10.95
CA GLN A 41 9.86 1.60 -10.96
C GLN A 41 8.51 0.99 -10.73
N PHE A 42 7.69 1.67 -9.95
CA PHE A 42 6.33 1.20 -9.67
C PHE A 42 5.35 2.34 -9.87
N ARG A 43 4.35 2.16 -10.74
CA ARG A 43 3.34 3.17 -10.94
C ARG A 43 2.19 3.00 -9.94
N ALA A 44 1.67 4.12 -9.42
CA ALA A 44 0.61 4.00 -8.41
C ALA A 44 -0.22 5.26 -8.42
N HIS A 45 -1.23 5.26 -7.54
CA HIS A 45 -2.07 6.43 -7.34
C HIS A 45 -1.66 7.06 -6.02
N LYS A 46 -1.35 8.37 -6.03
CA LYS A 46 -0.92 9.03 -4.80
C LYS A 46 -1.95 8.87 -3.68
N THR A 47 -3.25 8.96 -3.98
CA THR A 47 -4.23 8.86 -2.88
C THR A 47 -4.21 7.51 -2.19
N VAL A 48 -3.99 6.40 -2.93
CA VAL A 48 -3.94 5.11 -2.28
C VAL A 48 -2.71 5.04 -1.42
N LEU A 49 -1.56 5.52 -1.95
CA LEU A 49 -0.34 5.50 -1.14
C LEU A 49 -0.52 6.28 0.15
N MET A 50 -1.13 7.48 0.07
CA MET A 50 -1.33 8.34 1.26
C MET A 50 -2.29 7.71 2.24
N ALA A 51 -3.25 6.94 1.74
CA ALA A 51 -4.25 6.32 2.62
C ALA A 51 -3.65 5.15 3.38
N CYS A 52 -2.50 4.61 2.93
CA CYS A 52 -1.91 3.40 3.54
C CYS A 52 -0.65 3.61 4.30
N SER A 53 0.08 4.69 3.99
CA SER A 53 1.44 4.85 4.48
C SER A 53 1.64 6.22 5.09
N GLY A 54 2.14 6.27 6.32
CA GLY A 54 2.43 7.55 6.95
C GLY A 54 3.48 8.33 6.19
N LEU A 55 4.50 7.61 5.61
CA LEU A 55 5.53 8.30 4.84
C LEU A 55 4.91 8.95 3.61
N PHE A 56 4.09 8.20 2.85
CA PHE A 56 3.51 8.84 1.67
C PHE A 56 2.51 9.95 2.00
N TYR A 57 1.81 9.82 3.15
CA TYR A 57 0.94 10.91 3.55
C TYR A 57 1.79 12.19 3.76
N SER A 58 2.92 12.05 4.45
CA SER A 58 3.77 13.21 4.67
C SER A 58 4.30 13.77 3.35
N ILE A 59 4.77 12.91 2.45
CA ILE A 59 5.31 13.36 1.17
C ILE A 59 4.28 14.10 0.34
N PHE A 60 3.08 13.51 0.17
CA PHE A 60 2.13 14.11 -0.75
C PHE A 60 1.28 15.23 -0.14
N THR A 61 1.48 15.55 1.14
CA THR A 61 0.86 16.73 1.76
C THR A 61 1.89 17.87 1.84
N ASP A 62 3.16 17.61 1.45
CA ASP A 62 4.17 18.67 1.45
C ASP A 62 3.87 19.56 0.23
N GLN A 63 3.92 20.89 0.40
CA GLN A 63 3.56 21.81 -0.66
C GLN A 63 4.43 21.75 -1.91
N LEU A 64 5.68 21.24 -1.82
CA LEU A 64 6.53 21.07 -3.00
C LEU A 64 6.45 19.63 -3.52
N LYS A 65 6.55 18.62 -2.63
CA LYS A 65 6.60 17.24 -3.10
C LYS A 65 5.28 16.75 -3.64
N CYS A 66 4.15 17.37 -3.27
CA CYS A 66 2.81 16.96 -3.78
C CYS A 66 2.74 17.04 -5.30
N ASN A 67 3.60 17.86 -5.92
CA ASN A 67 3.60 18.08 -7.36
C ASN A 67 4.57 17.22 -8.14
N LEU A 68 5.37 16.41 -7.43
CA LEU A 68 6.34 15.56 -8.11
C LEU A 68 5.68 14.33 -8.73
N SER A 69 6.12 13.95 -9.93
CA SER A 69 5.57 12.79 -10.62
CA SER A 69 5.56 12.78 -10.60
C SER A 69 6.44 11.55 -10.36
N VAL A 70 7.63 11.74 -9.76
CA VAL A 70 8.56 10.66 -9.46
C VAL A 70 9.05 10.87 -8.04
N ILE A 71 9.04 9.81 -7.23
CA ILE A 71 9.59 9.86 -5.88
C ILE A 71 10.62 8.76 -5.78
N ASN A 72 11.85 9.13 -5.34
CA ASN A 72 12.91 8.15 -5.20
C ASN A 72 13.03 7.72 -3.75
N LEU A 73 12.89 6.43 -3.47
CA LEU A 73 13.06 5.95 -2.10
C LEU A 73 14.53 5.73 -1.75
N ASP A 74 14.79 5.62 -0.44
CA ASP A 74 16.14 5.40 0.07
C ASP A 74 16.74 4.13 -0.60
N PRO A 75 18.02 4.18 -1.03
CA PRO A 75 18.64 3.03 -1.71
C PRO A 75 18.73 1.74 -0.88
N GLU A 76 18.54 1.84 0.43
CA GLU A 76 18.55 0.65 1.28
C GLU A 76 17.25 -0.14 1.18
N ILE A 77 16.19 0.48 0.57
CA ILE A 77 14.91 -0.23 0.47
C ILE A 77 14.96 -1.28 -0.61
N ASN A 78 14.51 -2.50 -0.26
CA ASN A 78 14.49 -3.62 -1.15
C ASN A 78 13.30 -3.53 -2.13
N PRO A 79 13.52 -3.61 -3.45
CA PRO A 79 12.39 -3.49 -4.39
C PRO A 79 11.32 -4.55 -4.22
N GLU A 80 11.71 -5.81 -3.93
CA GLU A 80 10.71 -6.86 -3.74
C GLU A 80 9.86 -6.56 -2.48
N GLY A 81 10.51 -6.10 -1.41
CA GLY A 81 9.81 -5.71 -0.18
C GLY A 81 8.81 -4.59 -0.47
N PHE A 82 9.21 -3.59 -1.28
CA PHE A 82 8.29 -2.54 -1.63
C PHE A 82 7.13 -3.09 -2.48
N CYS A 83 7.43 -3.96 -3.47
CA CYS A 83 6.39 -4.51 -4.32
C CYS A 83 5.35 -5.25 -3.46
N ILE A 84 5.81 -6.04 -2.49
CA ILE A 84 4.90 -6.79 -1.62
C ILE A 84 4.01 -5.83 -0.83
N LEU A 85 4.59 -4.71 -0.33
CA LEU A 85 3.78 -3.76 0.44
C LEU A 85 2.85 -2.96 -0.45
N LEU A 86 3.23 -2.66 -1.71
CA LEU A 86 2.34 -1.96 -2.63
C LEU A 86 1.16 -2.89 -2.97
N ASP A 87 1.43 -4.17 -3.18
CA ASP A 87 0.33 -5.11 -3.44
C ASP A 87 -0.59 -5.18 -2.23
N PHE A 88 -0.03 -5.19 -1.02
CA PHE A 88 -0.87 -5.21 0.18
C PHE A 88 -1.75 -3.94 0.24
N MET A 89 -1.17 -2.77 -0.09
CA MET A 89 -1.98 -1.55 -0.06
C MET A 89 -3.23 -1.68 -0.93
N TYR A 90 -3.06 -2.29 -2.09
CA TYR A 90 -4.14 -2.38 -3.08
C TYR A 90 -5.00 -3.62 -2.95
N THR A 91 -4.69 -4.54 -2.01
CA THR A 91 -5.47 -5.78 -1.95
C THR A 91 -5.82 -6.28 -0.55
N SER A 92 -5.17 -5.76 0.50
N SER A 92 -5.13 -5.79 0.50
CA SER A 92 -5.28 -6.24 1.89
CA SER A 92 -5.20 -6.26 1.89
C SER A 92 -4.52 -7.53 2.14
C SER A 92 -4.42 -7.55 2.10
N ARG A 93 -3.85 -8.11 1.10
N ARG A 93 -3.84 -8.11 1.01
CA ARG A 93 -3.15 -9.39 1.25
CA ARG A 93 -3.13 -9.38 1.01
C ARG A 93 -1.66 -9.15 1.22
C ARG A 93 -1.61 -9.16 1.14
N LEU A 94 -0.98 -9.76 2.19
CA LEU A 94 0.47 -9.60 2.38
C LEU A 94 1.15 -10.94 2.13
N ASN A 95 2.02 -10.96 1.12
CA ASN A 95 2.75 -12.18 0.78
C ASN A 95 3.99 -12.29 1.66
N LEU A 96 3.80 -12.72 2.91
CA LEU A 96 4.87 -12.81 3.89
C LEU A 96 5.45 -14.22 3.87
N ARG A 97 6.76 -14.31 3.63
CA ARG A 97 7.47 -15.60 3.52
C ARG A 97 8.76 -15.55 4.32
N GLU A 98 9.29 -16.71 4.71
CA GLU A 98 10.55 -16.72 5.46
C GLU A 98 11.64 -15.94 4.71
N GLY A 99 11.66 -16.06 3.39
CA GLY A 99 12.68 -15.46 2.54
C GLY A 99 12.52 -13.96 2.33
N ASN A 100 11.35 -13.39 2.67
CA ASN A 100 11.18 -11.95 2.47
C ASN A 100 10.83 -11.17 3.72
N ILE A 101 10.58 -11.85 4.86
CA ILE A 101 10.04 -11.14 6.03
C ILE A 101 10.95 -10.01 6.56
N MET A 102 12.28 -10.19 6.56
CA MET A 102 13.10 -9.11 7.06
C MET A 102 13.01 -7.90 6.18
N ALA A 103 13.00 -8.10 4.83
CA ALA A 103 12.88 -6.97 3.91
C ALA A 103 11.50 -6.33 4.01
N VAL A 104 10.45 -7.14 4.15
CA VAL A 104 9.11 -6.56 4.28
C VAL A 104 9.02 -5.74 5.56
N MET A 105 9.52 -6.26 6.67
CA MET A 105 9.43 -5.52 7.93
C MET A 105 10.20 -4.20 7.82
N ALA A 106 11.42 -4.23 7.27
CA ALA A 106 12.20 -2.99 7.17
C ALA A 106 11.50 -1.99 6.26
N THR A 107 10.87 -2.47 5.19
CA THR A 107 10.18 -1.57 4.27
C THR A 107 8.94 -0.98 4.96
N ALA A 108 8.22 -1.82 5.74
CA ALA A 108 7.02 -1.33 6.41
C ALA A 108 7.39 -0.28 7.49
N MET A 109 8.55 -0.46 8.16
CA MET A 109 8.99 0.51 9.15
C MET A 109 9.25 1.86 8.46
N TYR A 110 9.93 1.81 7.33
CA TYR A 110 10.24 3.02 6.56
C TYR A 110 8.97 3.69 6.02
N LEU A 111 8.02 2.88 5.52
CA LEU A 111 6.78 3.47 4.97
C LEU A 111 5.80 3.86 6.07
N GLN A 112 6.08 3.50 7.35
CA GLN A 112 5.20 3.82 8.48
C GLN A 112 3.87 3.10 8.31
N MET A 113 3.95 1.76 8.29
CA MET A 113 2.79 0.87 8.17
C MET A 113 2.86 -0.06 9.37
N GLU A 114 2.40 0.43 10.53
CA GLU A 114 2.54 -0.24 11.84
C GLU A 114 1.91 -1.62 11.98
N HIS A 115 0.74 -1.86 11.35
N HIS A 115 0.75 -1.83 11.37
CA HIS A 115 0.08 -3.18 11.43
CA HIS A 115 0.02 -3.12 11.37
C HIS A 115 0.96 -4.23 10.78
C HIS A 115 0.82 -4.23 10.68
N VAL A 116 1.57 -3.89 9.62
CA VAL A 116 2.44 -4.84 8.92
C VAL A 116 3.67 -5.07 9.79
N VAL A 117 4.27 -4.00 10.34
CA VAL A 117 5.44 -4.16 11.20
C VAL A 117 5.10 -5.13 12.34
N ASP A 118 3.91 -4.94 12.97
CA ASP A 118 3.46 -5.78 14.10
C ASP A 118 3.35 -7.25 13.76
N THR A 119 2.71 -7.61 12.60
N THR A 119 2.79 -7.59 12.61
CA THR A 119 2.59 -9.02 12.19
CA THR A 119 2.63 -8.97 12.17
C THR A 119 3.95 -9.61 11.87
C THR A 119 3.95 -9.60 11.83
N CYS A 120 4.87 -8.81 11.27
CA CYS A 120 6.22 -9.31 10.96
C CYS A 120 6.92 -9.66 12.24
N ARG A 121 6.85 -8.76 13.24
CA ARG A 121 7.48 -8.98 14.55
C ARG A 121 6.94 -10.25 15.18
N LYS A 122 5.61 -10.48 15.05
CA LYS A 122 4.98 -11.67 15.64
C LYS A 122 5.46 -12.96 14.97
N PHE A 123 5.57 -12.96 13.62
CA PHE A 123 6.01 -14.14 12.89
C PHE A 123 7.47 -14.44 13.16
N ILE A 124 8.30 -13.38 13.32
CA ILE A 124 9.72 -13.56 13.65
C ILE A 124 9.86 -14.15 15.06
N LYS A 125 9.11 -13.59 16.03
CA LYS A 125 9.15 -14.05 17.44
C LYS A 125 8.75 -15.53 17.56
N ALA A 126 7.76 -15.96 16.76
CA ALA A 126 7.29 -17.35 16.76
C ALA A 126 8.35 -18.36 16.29
N SER A 127 9.28 -17.93 15.41
CA SER A 127 10.34 -18.80 14.88
C SER A 127 11.60 -18.80 15.76
N GLU A 128 11.62 -17.95 16.82
CA GLU A 128 12.77 -17.86 17.74
CA ALA B 1 -25.71 -7.28 1.16
C ALA B 1 -25.72 -5.98 1.96
N TRP B 2 -26.90 -5.51 2.31
CA TRP B 2 -27.10 -4.28 3.05
C TRP B 2 -27.42 -4.65 4.48
N VAL B 3 -26.94 -3.84 5.41
CA VAL B 3 -27.17 -4.04 6.86
C VAL B 3 -27.41 -2.73 7.59
N ILE B 4 -27.87 -2.85 8.87
CA ILE B 4 -27.94 -1.70 9.76
C ILE B 4 -26.55 -1.62 10.40
N PRO B 5 -25.75 -0.59 10.12
CA PRO B 5 -24.39 -0.57 10.68
C PRO B 5 -24.32 -0.34 12.18
N ALA B 6 -23.27 -0.87 12.83
C18 K6I C . -1.65 1.21 11.13
C17 K6I C . -3.75 2.51 11.46
C16 K6I C . -2.40 2.49 10.78
C15 K6I C . -2.51 2.73 9.29
C14 K6I C . -1.14 2.84 8.64
C1 K6I C . 0.80 6.36 9.89
N1 K6I C . -0.14 6.37 8.87
C6 K6I C . -1.51 6.91 6.48
C5 K6I C . 2.32 7.49 11.17
C12 K6I C . -5.22 11.21 7.75
N4 K6I C . -3.28 8.50 6.09
C3 K6I C . 0.49 3.92 10.12
C8 K6I C . -4.15 9.59 6.34
C9 K6I C . -5.05 9.95 5.34
C11 K6I C . -6.09 11.54 6.75
O1 K6I C . -2.75 7.97 8.22
C7 K6I C . -2.55 7.85 7.02
C13 K6I C . -4.26 10.24 7.56
C10 K6I C . -6.02 10.90 5.53
F K6I C . -4.96 9.31 4.17
S K6I C . -1.78 5.26 7.15
C K6I C . -0.68 5.27 8.50
N3 K6I C . 1.38 7.53 10.21
C4 K6I C . 2.66 6.31 11.80
N2 K6I C . 2.08 5.14 11.49
C2 K6I C . 1.15 5.16 10.54
O K6I C . 0.69 2.83 10.61
N K6I C . -0.43 4.05 9.08
C1 EDO D . 13.85 13.12 -3.62
O1 EDO D . 14.04 14.08 -4.64
C2 EDO D . 12.43 12.54 -3.84
O2 EDO D . 12.36 11.91 -5.11
C1 EDO E . 7.53 -20.76 2.36
O1 EDO E . 7.58 -21.88 3.25
C2 EDO E . 8.14 -19.48 2.99
O2 EDO E . 7.56 -19.07 4.23
C1 EDO F . 15.67 4.56 7.08
O1 EDO F . 14.56 5.43 7.25
C2 EDO F . 15.26 3.28 6.34
O2 EDO F . 16.00 3.17 5.13
C1 EDO G . 13.89 -14.48 9.36
O1 EDO G . 13.72 -15.16 8.14
C2 EDO G . 13.31 -15.34 10.51
O2 EDO G . 11.93 -15.54 10.29
S DMS H . 10.23 -6.44 -7.49
O DMS H . 9.62 -6.10 -8.79
C1 DMS H . 9.79 -8.13 -7.24
C2 DMS H . 11.95 -6.66 -7.83
#